data_4N37
#
_entry.id   4N37
#
_cell.length_a   79.920
_cell.length_b   79.920
_cell.length_c   90.360
_cell.angle_alpha   90.00
_cell.angle_beta   90.00
_cell.angle_gamma   90.00
#
_symmetry.space_group_name_H-M   'P 42'
#
loop_
_entity.id
_entity.type
_entity.pdbx_description
1 polymer 'C-type lectin domain family 4 member K'
2 non-polymer 'methyl alpha-D-mannopyranoside'
3 non-polymer 'CALCIUM ION'
4 water water
#
_entity_poly.entity_id   1
_entity_poly.type   'polypeptide(L)'
_entity_poly.pdbx_seq_one_letter_code
;QVVSQGWKYFKGNFYYFSLIPKTWYSAEQFCVSRNSHLTSVTSESEQEFLYKTAGGLIYWIGLTKAGMEGDWSWVDDTPF
NKVQSARFWIPGEPNDAGNNEHCGNIKAPSLQAWNDAPCDITFLFICKRPYVPSEP
;
_entity_poly.pdbx_strand_id   A,B,C,D
#
loop_
_chem_comp.id
_chem_comp.type
_chem_comp.name
_chem_comp.formula
CA non-polymer 'CALCIUM ION' 'Ca 2'
MMA D-saccharide 'methyl alpha-D-mannopyranoside' 'C7 H14 O6'
#
# COMPACT_ATOMS: atom_id res chain seq x y z
N GLY A 6 -23.51 7.70 -14.60
CA GLY A 6 -22.88 8.25 -15.79
C GLY A 6 -21.43 7.82 -15.94
N TRP A 7 -21.14 6.59 -15.53
CA TRP A 7 -19.81 6.03 -15.72
C TRP A 7 -19.69 5.44 -17.11
N LYS A 8 -18.56 5.71 -17.76
CA LYS A 8 -18.31 5.20 -19.11
C LYS A 8 -17.44 3.95 -19.05
N TYR A 9 -17.87 2.90 -19.72
CA TYR A 9 -17.16 1.62 -19.71
C TYR A 9 -16.13 1.50 -20.82
N PHE A 10 -14.92 1.11 -20.45
CA PHE A 10 -13.87 0.83 -21.42
C PHE A 10 -12.93 -0.26 -20.92
N LYS A 11 -12.92 -1.39 -21.63
CA LYS A 11 -12.01 -2.51 -21.35
C LYS A 11 -11.87 -2.90 -19.88
N GLY A 12 -12.97 -3.27 -19.25
CA GLY A 12 -12.92 -3.81 -17.90
C GLY A 12 -12.83 -2.78 -16.80
N ASN A 13 -13.02 -1.51 -17.17
CA ASN A 13 -13.04 -0.43 -16.20
C ASN A 13 -14.14 0.58 -16.52
N PHE A 14 -14.74 1.14 -15.48
CA PHE A 14 -15.64 2.27 -15.66
C PHE A 14 -14.91 3.56 -15.35
N TYR A 15 -15.23 4.61 -16.09
CA TYR A 15 -14.58 5.90 -15.92
C TYR A 15 -15.62 6.96 -15.61
N TYR A 16 -15.26 7.89 -14.73
CA TYR A 16 -16.16 8.99 -14.40
C TYR A 16 -15.50 10.31 -14.75
N PHE A 17 -16.06 11.00 -15.74
CA PHE A 17 -15.57 12.31 -16.13
C PHE A 17 -16.37 13.37 -15.40
N SER A 18 -15.72 14.05 -14.46
CA SER A 18 -16.42 14.91 -13.52
C SER A 18 -17.01 16.15 -14.18
N LEU A 19 -18.02 16.71 -13.53
CA LEU A 19 -18.64 17.92 -14.00
C LEU A 19 -18.21 19.09 -13.12
N ILE A 20 -17.71 18.77 -11.93
CA ILE A 20 -17.24 19.77 -10.98
C ILE A 20 -15.72 19.74 -10.86
N PRO A 21 -15.06 20.90 -10.84
CA PRO A 21 -13.61 20.88 -10.67
C PRO A 21 -13.21 20.77 -9.18
N LYS A 22 -12.10 20.08 -8.91
CA LYS A 22 -11.58 19.96 -7.55
C LYS A 22 -10.05 19.97 -7.61
N THR A 23 -9.41 20.20 -6.46
CA THR A 23 -7.95 20.04 -6.37
C THR A 23 -7.62 18.56 -6.57
N TRP A 24 -6.36 18.24 -6.88
CA TRP A 24 -5.98 16.86 -7.13
C TRP A 24 -6.41 15.93 -6.01
N TYR A 25 -6.13 16.31 -4.76
CA TYR A 25 -6.42 15.44 -3.63
C TYR A 25 -7.92 15.34 -3.34
N SER A 26 -8.65 16.45 -3.48
CA SER A 26 -10.08 16.42 -3.21
C SER A 26 -10.82 15.59 -4.26
N ALA A 27 -10.29 15.61 -5.47
CA ALA A 27 -10.79 14.76 -6.54
C ALA A 27 -10.51 13.30 -6.19
N GLU A 28 -9.28 13.02 -5.75
CA GLU A 28 -8.91 11.65 -5.36
C GLU A 28 -9.81 11.12 -4.24
N GLN A 29 -10.04 11.95 -3.23
CA GLN A 29 -10.98 11.60 -2.16
C GLN A 29 -12.39 11.33 -2.68
N PHE A 30 -12.84 12.15 -3.63
CA PHE A 30 -14.14 11.93 -4.23
C PHE A 30 -14.22 10.58 -4.93
N CYS A 31 -13.16 10.24 -5.68
CA CYS A 31 -13.09 8.93 -6.35
C CYS A 31 -13.09 7.80 -5.31
N VAL A 32 -12.28 7.94 -4.27
CA VAL A 32 -12.19 6.91 -3.22
C VAL A 32 -13.53 6.73 -2.53
N SER A 33 -14.29 7.81 -2.41
CA SER A 33 -15.63 7.71 -1.85
C SER A 33 -16.60 7.01 -2.80
N ARG A 34 -16.20 6.86 -4.06
CA ARG A 34 -17.04 6.17 -5.02
C ARG A 34 -16.40 4.84 -5.42
N ASN A 35 -15.60 4.28 -4.51
CA ASN A 35 -14.91 3.02 -4.76
C ASN A 35 -14.03 3.05 -6.01
N SER A 36 -13.30 4.14 -6.20
CA SER A 36 -12.43 4.25 -7.36
C SER A 36 -11.17 5.06 -7.03
N HIS A 37 -10.36 5.32 -8.05
CA HIS A 37 -9.19 6.16 -7.90
C HIS A 37 -9.12 7.07 -9.11
N LEU A 38 -8.41 8.18 -8.96
CA LEU A 38 -8.02 8.94 -10.14
C LEU A 38 -7.30 7.98 -11.09
N THR A 39 -7.64 8.08 -12.38
CA THR A 39 -7.28 7.05 -13.35
C THR A 39 -5.78 6.95 -13.61
N SER A 40 -5.31 5.71 -13.72
CA SER A 40 -4.00 5.44 -14.29
C SER A 40 -4.18 5.36 -15.79
N VAL A 41 -3.06 5.36 -16.52
CA VAL A 41 -3.07 5.21 -17.97
C VAL A 41 -1.95 4.26 -18.29
N THR A 42 -2.25 3.09 -18.84
CA THR A 42 -1.22 2.09 -19.06
C THR A 42 -1.12 1.55 -20.49
N SER A 43 -1.82 2.19 -21.42
CA SER A 43 -1.75 1.79 -22.82
C SER A 43 -2.12 2.95 -23.73
N GLU A 44 -1.76 2.82 -24.99
CA GLU A 44 -2.05 3.86 -25.99
C GLU A 44 -3.55 3.95 -26.20
N SER A 45 -4.21 2.82 -26.24
CA SER A 45 -5.66 2.78 -26.40
C SER A 45 -6.37 3.41 -25.21
N GLU A 46 -5.81 3.26 -24.01
CA GLU A 46 -6.44 3.88 -22.85
C GLU A 46 -6.24 5.38 -22.90
N GLN A 47 -5.00 5.81 -23.16
CA GLN A 47 -4.69 7.22 -23.37
C GLN A 47 -5.60 7.85 -24.42
N GLU A 48 -5.75 7.16 -25.55
CA GLU A 48 -6.62 7.64 -26.63
C GLU A 48 -8.09 7.74 -26.20
N PHE A 49 -8.57 6.72 -25.51
CA PHE A 49 -9.93 6.73 -24.98
C PHE A 49 -10.15 7.94 -24.09
N LEU A 50 -9.16 8.24 -23.27
CA LEU A 50 -9.25 9.30 -22.28
C LEU A 50 -9.21 10.69 -22.91
N TYR A 51 -8.24 10.96 -23.78
CA TYR A 51 -8.13 12.31 -24.34
C TYR A 51 -9.27 12.64 -25.31
N LYS A 52 -9.71 11.65 -26.06
CA LYS A 52 -10.86 11.83 -26.95
C LYS A 52 -12.14 12.07 -26.17
N THR A 53 -12.31 11.35 -25.07
CA THR A 53 -13.48 11.57 -24.23
C THR A 53 -13.37 12.93 -23.54
N ALA A 54 -12.14 13.34 -23.26
CA ALA A 54 -11.92 14.63 -22.58
C ALA A 54 -12.40 15.82 -23.43
N GLY A 55 -12.48 15.63 -24.74
CA GLY A 55 -13.03 16.65 -25.62
C GLY A 55 -12.35 18.00 -25.55
N GLY A 56 -11.03 17.99 -25.33
CA GLY A 56 -10.25 19.22 -25.31
C GLY A 56 -10.18 19.95 -23.98
N LEU A 57 -10.79 19.39 -22.95
CA LEU A 57 -10.76 19.97 -21.61
C LEU A 57 -9.73 19.28 -20.72
N ILE A 58 -9.23 19.99 -19.72
CA ILE A 58 -8.18 19.48 -18.84
C ILE A 58 -8.78 18.71 -17.67
N TYR A 59 -8.23 17.51 -17.42
CA TYR A 59 -8.69 16.64 -16.34
C TYR A 59 -7.54 16.09 -15.51
N TRP A 60 -7.61 16.26 -14.20
CA TRP A 60 -6.72 15.54 -13.29
C TRP A 60 -6.79 14.04 -13.58
N ILE A 61 -5.63 13.39 -13.65
CA ILE A 61 -5.58 11.94 -13.61
C ILE A 61 -4.72 11.54 -12.40
N GLY A 62 -4.46 10.25 -12.25
CA GLY A 62 -3.81 9.71 -11.08
C GLY A 62 -2.30 9.93 -10.97
N LEU A 63 -1.76 10.82 -11.79
CA LEU A 63 -0.32 11.12 -11.74
C LEU A 63 0.04 11.96 -10.52
N THR A 64 1.04 11.52 -9.75
CA THR A 64 1.56 12.29 -8.62
C THR A 64 2.95 11.79 -8.22
N LYS A 65 3.74 12.66 -7.59
CA LYS A 65 5.11 12.30 -7.20
C LYS A 65 5.16 11.45 -5.93
N ALA A 66 6.14 10.54 -5.88
CA ALA A 66 6.41 9.73 -4.70
C ALA A 66 7.90 9.45 -4.52
N GLY A 67 8.34 9.27 -3.28
CA GLY A 67 9.75 9.07 -2.98
C GLY A 67 10.52 10.37 -2.88
N MET A 68 11.77 10.28 -2.41
CA MET A 68 12.61 11.46 -2.21
C MET A 68 13.08 12.05 -3.53
N GLU A 69 13.17 11.19 -4.54
CA GLU A 69 13.71 11.58 -5.84
C GLU A 69 12.66 12.32 -6.67
N GLY A 70 11.41 12.19 -6.27
CA GLY A 70 10.31 12.84 -6.96
C GLY A 70 9.90 12.12 -8.23
N ASP A 71 10.03 10.80 -8.23
CA ASP A 71 9.57 10.01 -9.36
C ASP A 71 8.05 10.08 -9.44
N TRP A 72 7.51 10.00 -10.65
CA TRP A 72 6.08 10.01 -10.83
C TRP A 72 5.51 8.65 -10.47
N SER A 73 4.27 8.63 -10.02
CA SER A 73 3.63 7.39 -9.60
C SER A 73 2.14 7.46 -9.90
N TRP A 74 1.45 6.33 -9.77
CA TRP A 74 0.01 6.29 -9.95
C TRP A 74 -0.64 6.12 -8.58
N VAL A 75 -1.63 6.95 -8.29
CA VAL A 75 -2.26 6.89 -6.97
C VAL A 75 -3.02 5.58 -6.76
N ASP A 76 -3.44 4.91 -7.84
CA ASP A 76 -4.07 3.59 -7.71
C ASP A 76 -3.05 2.45 -7.56
N ASP A 77 -1.79 2.83 -7.40
CA ASP A 77 -0.69 1.90 -7.15
C ASP A 77 -0.24 1.06 -8.33
N THR A 78 -0.77 1.34 -9.53
CA THR A 78 -0.18 0.78 -10.74
C THR A 78 1.27 1.26 -10.76
N PRO A 79 2.21 0.33 -10.91
CA PRO A 79 3.63 0.69 -11.08
C PRO A 79 3.77 1.64 -12.26
N PHE A 80 4.52 2.72 -12.05
CA PHE A 80 4.75 3.69 -13.11
C PHE A 80 5.92 3.23 -13.96
N ASN A 81 5.66 3.02 -15.24
CA ASN A 81 6.69 2.60 -16.18
C ASN A 81 7.23 3.82 -16.94
N LYS A 82 8.39 4.31 -16.49
CA LYS A 82 8.95 5.55 -17.01
C LYS A 82 9.23 5.47 -18.51
N VAL A 83 9.78 4.35 -18.95
CA VAL A 83 10.07 4.13 -20.37
C VAL A 83 8.80 4.09 -21.22
N GLN A 84 7.81 3.35 -20.75
CA GLN A 84 6.62 3.12 -21.56
C GLN A 84 5.62 4.28 -21.52
N SER A 85 5.89 5.26 -20.66
CA SER A 85 5.00 6.41 -20.52
CA SER A 85 5.01 6.42 -20.51
C SER A 85 5.61 7.70 -21.08
N ALA A 86 6.88 7.63 -21.49
CA ALA A 86 7.56 8.82 -22.01
C ALA A 86 6.80 9.44 -23.17
N ARG A 87 6.18 8.60 -23.98
CA ARG A 87 5.41 9.04 -25.14
C ARG A 87 4.11 9.76 -24.79
N PHE A 88 3.70 9.71 -23.53
CA PHE A 88 2.39 10.27 -23.12
C PHE A 88 2.45 11.72 -22.63
N TRP A 89 3.65 12.23 -22.36
CA TRP A 89 3.79 13.61 -21.90
C TRP A 89 3.73 14.59 -23.08
N ILE A 90 3.26 15.81 -22.80
CA ILE A 90 3.39 16.90 -23.76
C ILE A 90 4.88 17.19 -23.89
N PRO A 91 5.36 17.44 -25.13
CA PRO A 91 6.76 17.83 -25.33
C PRO A 91 7.14 18.97 -24.39
N GLY A 92 8.13 18.72 -23.54
CA GLY A 92 8.57 19.73 -22.59
C GLY A 92 8.11 19.43 -21.17
N GLU A 93 7.17 18.50 -21.04
CA GLU A 93 6.66 18.12 -19.73
C GLU A 93 7.19 16.73 -19.33
N PRO A 94 7.35 16.48 -18.02
CA PRO A 94 7.10 17.44 -16.94
C PRO A 94 8.22 18.46 -16.84
N ASN A 95 7.87 19.73 -16.68
CA ASN A 95 8.87 20.79 -16.59
C ASN A 95 9.01 21.30 -15.17
N ASP A 96 8.05 20.93 -14.33
CA ASP A 96 8.01 21.38 -12.94
C ASP A 96 8.12 22.89 -12.80
N ALA A 97 6.99 23.57 -12.95
CA ALA A 97 6.96 25.02 -12.90
C ALA A 97 6.84 25.55 -11.46
N GLY A 98 7.66 26.53 -11.11
CA GLY A 98 7.68 27.09 -9.77
C GLY A 98 8.12 26.10 -8.71
N ASN A 99 8.70 24.98 -9.13
CA ASN A 99 9.04 23.89 -8.20
C ASN A 99 7.80 23.49 -7.39
N ASN A 100 6.65 23.47 -8.04
CA ASN A 100 5.40 23.21 -7.36
C ASN A 100 4.39 22.48 -8.25
N GLU A 101 4.89 21.72 -9.22
CA GLU A 101 4.00 20.93 -10.07
C GLU A 101 4.19 19.44 -9.81
N HIS A 102 3.48 18.94 -8.80
CA HIS A 102 3.69 17.59 -8.30
C HIS A 102 2.52 16.64 -8.61
N CYS A 103 1.59 17.09 -9.44
CA CYS A 103 0.50 16.24 -9.91
C CYS A 103 0.31 16.38 -11.41
N GLY A 104 -0.42 15.44 -12.00
CA GLY A 104 -0.51 15.37 -13.44
C GLY A 104 -1.94 15.34 -13.95
N ASN A 105 -2.14 15.97 -15.10
CA ASN A 105 -3.44 15.99 -15.74
C ASN A 105 -3.35 15.64 -17.23
N ILE A 106 -4.49 15.36 -17.83
CA ILE A 106 -4.60 15.26 -19.27
C ILE A 106 -4.94 16.64 -19.81
N LYS A 107 -4.09 17.15 -20.69
CA LYS A 107 -4.25 18.51 -21.20
C LYS A 107 -4.46 18.56 -22.72
N ALA A 108 -3.46 18.14 -23.48
CA ALA A 108 -3.57 18.23 -24.93
C ALA A 108 -4.34 17.05 -25.51
N PRO A 109 -5.21 17.35 -26.48
CA PRO A 109 -5.95 16.27 -27.17
C PRO A 109 -5.07 15.55 -28.17
N SER A 110 -4.13 14.74 -27.64
CA SER A 110 -3.21 13.96 -28.44
C SER A 110 -2.67 12.84 -27.55
N LEU A 111 -1.90 11.92 -28.12
CA LEU A 111 -1.26 10.88 -27.32
C LEU A 111 -0.30 11.55 -26.37
N GLN A 112 0.41 12.55 -26.88
CA GLN A 112 1.26 13.37 -26.04
C GLN A 112 0.37 14.38 -25.32
N ALA A 113 -0.19 13.98 -24.17
CA ALA A 113 -1.27 14.72 -23.53
C ALA A 113 -0.96 15.28 -22.14
N TRP A 114 -0.09 14.60 -21.39
CA TRP A 114 0.11 14.93 -19.97
C TRP A 114 0.87 16.23 -19.68
N ASN A 115 0.45 16.88 -18.59
CA ASN A 115 1.16 18.03 -18.06
C ASN A 115 1.21 17.94 -16.54
N ASP A 116 2.34 18.36 -15.95
CA ASP A 116 2.37 18.52 -14.51
C ASP A 116 1.92 19.92 -14.12
N ALA A 117 1.09 20.00 -13.09
CA ALA A 117 0.48 21.25 -12.65
C ALA A 117 0.44 21.25 -11.14
N PRO A 118 0.30 22.43 -10.52
CA PRO A 118 0.23 22.47 -9.06
C PRO A 118 -0.98 21.74 -8.51
N CYS A 119 -0.77 20.94 -7.47
CA CYS A 119 -1.81 20.04 -6.95
C CYS A 119 -3.03 20.76 -6.40
N ASP A 120 -2.86 22.00 -5.96
CA ASP A 120 -3.93 22.72 -5.28
C ASP A 120 -4.77 23.60 -6.22
N ILE A 121 -4.45 23.51 -7.52
CA ILE A 121 -5.28 24.08 -8.56
C ILE A 121 -6.45 23.15 -8.83
N THR A 122 -7.63 23.72 -9.07
CA THR A 122 -8.81 22.92 -9.36
C THR A 122 -9.01 22.68 -10.85
N PHE A 123 -9.24 21.42 -11.21
CA PHE A 123 -9.59 21.02 -12.56
C PHE A 123 -10.70 19.96 -12.47
N LEU A 124 -11.37 19.72 -13.59
CA LEU A 124 -12.22 18.55 -13.70
C LEU A 124 -11.34 17.32 -13.55
N PHE A 125 -11.94 16.16 -13.31
CA PHE A 125 -11.14 14.98 -13.00
C PHE A 125 -11.76 13.69 -13.51
N ILE A 126 -10.94 12.67 -13.64
CA ILE A 126 -11.39 11.38 -14.13
C ILE A 126 -11.13 10.28 -13.11
N CYS A 127 -12.21 9.65 -12.62
CA CYS A 127 -12.09 8.46 -11.78
C CYS A 127 -12.08 7.19 -12.62
N LYS A 128 -11.44 6.16 -12.08
CA LYS A 128 -11.41 4.85 -12.72
C LYS A 128 -11.80 3.75 -11.74
N ARG A 129 -12.78 2.94 -12.12
CA ARG A 129 -13.29 1.89 -11.25
C ARG A 129 -13.31 0.54 -11.94
N PRO A 130 -12.68 -0.48 -11.34
CA PRO A 130 -12.66 -1.78 -12.02
C PRO A 130 -14.05 -2.39 -12.06
N TYR A 131 -14.36 -3.13 -13.11
CA TYR A 131 -15.58 -3.93 -13.12
C TYR A 131 -15.20 -5.35 -12.69
N VAL A 132 -15.90 -5.86 -11.68
CA VAL A 132 -15.63 -7.21 -11.20
C VAL A 132 -16.88 -8.06 -11.36
N PRO A 133 -16.93 -8.89 -12.42
CA PRO A 133 -18.08 -9.74 -12.76
C PRO A 133 -18.53 -10.62 -11.61
N GLY B 6 -14.22 -17.17 17.79
CA GLY B 6 -13.83 -16.77 19.12
C GLY B 6 -12.81 -15.65 19.17
N TRP B 7 -13.10 -14.54 18.49
CA TRP B 7 -12.18 -13.40 18.50
C TRP B 7 -12.08 -12.77 19.90
N LYS B 8 -10.86 -12.55 20.37
CA LYS B 8 -10.65 -11.91 21.67
C LYS B 8 -10.42 -10.40 21.52
N TYR B 9 -10.90 -9.62 22.48
CA TYR B 9 -10.79 -8.17 22.39
C TYR B 9 -9.72 -7.61 23.29
N PHE B 10 -8.99 -6.62 22.78
CA PHE B 10 -7.98 -5.94 23.57
C PHE B 10 -7.63 -4.59 22.96
N LYS B 11 -7.91 -3.53 23.72
CA LYS B 11 -7.60 -2.15 23.34
C LYS B 11 -7.94 -1.83 21.89
N GLY B 12 -9.21 -1.96 21.53
CA GLY B 12 -9.67 -1.52 20.22
C GLY B 12 -9.45 -2.47 19.07
N ASN B 13 -8.87 -3.64 19.34
CA ASN B 13 -8.65 -4.63 18.29
C ASN B 13 -9.23 -5.98 18.68
N PHE B 14 -9.66 -6.76 17.70
CA PHE B 14 -10.04 -8.15 17.93
C PHE B 14 -8.92 -9.07 17.43
N TYR B 15 -8.74 -10.21 18.10
CA TYR B 15 -7.65 -11.11 17.79
C TYR B 15 -8.15 -12.54 17.65
N TYR B 16 -7.67 -13.23 16.63
CA TYR B 16 -8.05 -14.62 16.41
C TYR B 16 -6.83 -15.52 16.59
N PHE B 17 -6.88 -16.37 17.61
CA PHE B 17 -5.81 -17.34 17.80
C PHE B 17 -6.23 -18.65 17.13
N SER B 18 -5.46 -19.07 16.12
CA SER B 18 -5.89 -20.21 15.31
C SER B 18 -5.68 -21.53 16.02
N LEU B 19 -6.43 -22.53 15.58
CA LEU B 19 -6.39 -23.88 16.13
C LEU B 19 -5.78 -24.84 15.11
N ILE B 20 -5.55 -24.33 13.90
CA ILE B 20 -4.98 -25.11 12.81
C ILE B 20 -3.66 -24.44 12.39
N PRO B 21 -2.60 -25.25 12.17
CA PRO B 21 -1.32 -24.66 11.75
C PRO B 21 -1.28 -24.36 10.26
N LYS B 22 -0.61 -23.28 9.87
CA LYS B 22 -0.44 -22.94 8.47
C LYS B 22 0.93 -22.30 8.22
N THR B 23 1.34 -22.28 6.96
CA THR B 23 2.51 -21.50 6.54
C THR B 23 2.18 -20.03 6.73
N TRP B 24 3.21 -19.19 6.88
CA TRP B 24 3.00 -17.77 7.06
C TRP B 24 2.01 -17.18 6.06
N TYR B 25 2.24 -17.40 4.77
CA TYR B 25 1.38 -16.76 3.77
C TYR B 25 -0.03 -17.34 3.71
N SER B 26 -0.15 -18.65 3.90
CA SER B 26 -1.48 -19.25 3.93
C SER B 26 -2.23 -18.74 5.16
N ALA B 27 -1.50 -18.50 6.25
CA ALA B 27 -2.07 -17.93 7.46
C ALA B 27 -2.58 -16.53 7.14
N GLU B 28 -1.73 -15.71 6.53
CA GLU B 28 -2.11 -14.34 6.17
C GLU B 28 -3.36 -14.32 5.29
N GLN B 29 -3.40 -15.20 4.30
CA GLN B 29 -4.55 -15.28 3.40
C GLN B 29 -5.82 -15.65 4.12
N PHE B 30 -5.69 -16.52 5.11
CA PHE B 30 -6.83 -16.89 5.94
C PHE B 30 -7.31 -15.61 6.65
N CYS B 31 -6.37 -14.90 7.27
CA CYS B 31 -6.70 -13.67 8.00
C CYS B 31 -7.38 -12.68 7.08
N VAL B 32 -6.84 -12.54 5.88
CA VAL B 32 -7.39 -11.63 4.89
C VAL B 32 -8.83 -12.00 4.54
N SER B 33 -9.09 -13.30 4.43
CA SER B 33 -10.43 -13.76 4.11
C SER B 33 -11.39 -13.47 5.26
N ARG B 34 -10.84 -13.17 6.43
CA ARG B 34 -11.65 -12.82 7.59
C ARG B 34 -11.53 -11.34 7.92
N ASN B 35 -11.28 -10.53 6.88
CA ASN B 35 -11.19 -9.08 7.05
C ASN B 35 -10.15 -8.69 8.11
N SER B 36 -8.98 -9.34 8.06
CA SER B 36 -7.93 -9.08 9.02
C SER B 36 -6.53 -9.31 8.43
N HIS B 37 -5.54 -9.26 9.31
CA HIS B 37 -4.14 -9.45 8.92
C HIS B 37 -3.46 -10.20 10.05
N LEU B 38 -2.34 -10.85 9.76
CA LEU B 38 -1.53 -11.39 10.82
C LEU B 38 -1.13 -10.22 11.72
N THR B 39 -1.24 -10.40 13.02
CA THR B 39 -1.10 -9.29 13.96
C THR B 39 0.20 -8.49 13.89
N SER B 40 0.06 -7.20 14.09
CA SER B 40 1.19 -6.35 14.43
C SER B 40 1.29 -6.26 15.96
N VAL B 41 2.46 -5.83 16.45
CA VAL B 41 2.63 -5.56 17.88
C VAL B 41 3.25 -4.19 18.03
N THR B 42 2.58 -3.31 18.77
CA THR B 42 2.97 -1.90 18.81
C THR B 42 3.08 -1.32 20.21
N SER B 43 3.00 -2.16 21.22
CA SER B 43 3.18 -1.72 22.59
C SER B 43 3.50 -2.92 23.47
N GLU B 44 4.09 -2.64 24.63
CA GLU B 44 4.38 -3.68 25.61
C GLU B 44 3.10 -4.38 26.06
N SER B 45 2.05 -3.59 26.32
CA SER B 45 0.78 -4.16 26.75
CA SER B 45 0.77 -4.13 26.74
C SER B 45 0.25 -5.15 25.71
N GLU B 46 0.39 -4.82 24.44
CA GLU B 46 -0.09 -5.70 23.37
C GLU B 46 0.79 -6.94 23.27
N GLN B 47 2.11 -6.73 23.37
CA GLN B 47 3.04 -7.86 23.39
C GLN B 47 2.72 -8.78 24.54
N GLU B 48 2.47 -8.20 25.71
CA GLU B 48 2.12 -8.98 26.90
C GLU B 48 0.81 -9.75 26.74
N PHE B 49 -0.22 -9.06 26.22
CA PHE B 49 -1.50 -9.71 25.91
C PHE B 49 -1.29 -10.93 24.99
N LEU B 50 -0.47 -10.76 23.97
CA LEU B 50 -0.28 -11.81 22.97
C LEU B 50 0.46 -13.03 23.51
N TYR B 51 1.61 -12.82 24.14
CA TYR B 51 2.42 -13.95 24.60
C TYR B 51 1.70 -14.73 25.70
N LYS B 52 1.06 -14.01 26.61
CA LYS B 52 0.29 -14.68 27.66
C LYS B 52 -0.88 -15.48 27.10
N THR B 53 -1.56 -14.94 26.10
CA THR B 53 -2.69 -15.66 25.50
C THR B 53 -2.18 -16.87 24.71
N ALA B 54 -0.99 -16.72 24.12
CA ALA B 54 -0.37 -17.79 23.34
C ALA B 54 -0.10 -19.02 24.20
N GLY B 55 0.20 -18.79 25.48
CA GLY B 55 0.35 -19.86 26.45
C GLY B 55 1.45 -20.86 26.16
N GLY B 56 2.57 -20.37 25.64
CA GLY B 56 3.75 -21.20 25.43
C GLY B 56 3.76 -21.94 24.11
N LEU B 57 2.77 -21.67 23.27
CA LEU B 57 2.77 -22.22 21.93
C LEU B 57 3.24 -21.16 20.94
N ILE B 58 3.77 -21.61 19.81
CA ILE B 58 4.34 -20.72 18.80
C ILE B 58 3.30 -20.32 17.74
N TYR B 59 3.17 -19.03 17.53
CA TYR B 59 2.17 -18.49 16.60
C TYR B 59 2.83 -17.54 15.58
N TRP B 60 2.54 -17.76 14.30
CA TRP B 60 2.88 -16.77 13.27
C TRP B 60 2.25 -15.41 13.62
N ILE B 61 3.05 -14.34 13.53
CA ILE B 61 2.53 -12.98 13.55
C ILE B 61 2.89 -12.26 12.23
N GLY B 62 2.47 -11.00 12.08
CA GLY B 62 2.62 -10.29 10.82
C GLY B 62 4.02 -9.79 10.48
N LEU B 63 5.01 -10.37 11.13
CA LEU B 63 6.40 -10.00 10.92
C LEU B 63 6.94 -10.59 9.63
N THR B 64 7.42 -9.74 8.74
CA THR B 64 7.99 -10.23 7.48
C THR B 64 8.95 -9.20 6.86
N LYS B 65 9.90 -9.68 6.07
CA LYS B 65 10.86 -8.78 5.43
C LYS B 65 10.25 -8.00 4.26
N ALA B 66 10.83 -6.82 3.99
CA ALA B 66 10.41 -5.98 2.88
C ALA B 66 11.59 -5.15 2.43
N GLY B 67 11.63 -4.78 1.15
CA GLY B 67 12.74 -4.02 0.61
C GLY B 67 13.94 -4.91 0.32
N MET B 68 14.84 -4.43 -0.53
CA MET B 68 16.01 -5.23 -0.88
C MET B 68 16.97 -5.34 0.30
N GLU B 69 16.88 -4.39 1.22
CA GLU B 69 17.71 -4.41 2.42
C GLU B 69 17.20 -5.41 3.47
N GLY B 70 15.96 -5.88 3.29
CA GLY B 70 15.42 -6.92 4.13
C GLY B 70 15.03 -6.49 5.53
N ASP B 71 14.61 -5.24 5.66
CA ASP B 71 14.19 -4.73 6.96
C ASP B 71 12.87 -5.36 7.34
N TRP B 72 12.66 -5.53 8.64
CA TRP B 72 11.41 -6.12 9.13
C TRP B 72 10.26 -5.15 8.99
N SER B 73 9.07 -5.68 8.70
CA SER B 73 7.89 -4.85 8.47
C SER B 73 6.66 -5.59 8.98
N TRP B 74 5.54 -4.89 9.01
CA TRP B 74 4.27 -5.51 9.39
C TRP B 74 3.41 -5.70 8.16
N VAL B 75 2.82 -6.88 8.02
CA VAL B 75 1.98 -7.17 6.87
C VAL B 75 0.69 -6.35 6.85
N ASP B 76 0.29 -5.82 8.00
CA ASP B 76 -0.91 -4.99 8.05
C ASP B 76 -0.62 -3.53 7.72
N ASP B 77 0.62 -3.27 7.30
CA ASP B 77 1.11 -1.95 6.91
C ASP B 77 1.32 -0.96 8.05
N THR B 78 1.23 -1.41 9.30
CA THR B 78 1.73 -0.60 10.41
C THR B 78 3.21 -0.39 10.16
N PRO B 79 3.66 0.87 10.16
CA PRO B 79 5.08 1.21 10.03
C PRO B 79 5.90 0.53 11.15
N PHE B 80 6.99 -0.10 10.76
CA PHE B 80 7.77 -0.86 11.73
C PHE B 80 8.72 0.07 12.46
N ASN B 81 8.56 0.15 13.77
CA ASN B 81 9.42 0.96 14.60
C ASN B 81 10.55 0.07 15.09
N LYS B 82 11.71 0.19 14.43
CA LYS B 82 12.82 -0.69 14.74
C LYS B 82 13.34 -0.51 16.16
N VAL B 83 13.54 0.74 16.56
CA VAL B 83 14.03 1.05 17.90
C VAL B 83 13.13 0.50 19.01
N GLN B 84 11.83 0.71 18.88
CA GLN B 84 10.89 0.30 19.91
C GLN B 84 10.57 -1.20 19.88
N SER B 85 10.88 -1.86 18.76
CA SER B 85 10.58 -3.28 18.63
C SER B 85 11.77 -4.18 19.01
N ALA B 86 12.92 -3.58 19.27
CA ALA B 86 14.12 -4.35 19.59
C ALA B 86 13.96 -5.16 20.88
N ARG B 87 13.23 -4.60 21.84
CA ARG B 87 13.01 -5.26 23.13
C ARG B 87 12.07 -6.46 23.05
N PHE B 88 11.52 -6.74 21.86
CA PHE B 88 10.53 -7.81 21.70
C PHE B 88 11.08 -9.07 21.05
N TRP B 89 12.30 -9.00 20.51
CA TRP B 89 12.95 -10.19 19.97
C TRP B 89 13.54 -11.01 21.12
N ILE B 90 13.53 -12.32 20.94
CA ILE B 90 14.33 -13.23 21.76
C ILE B 90 15.78 -12.83 21.58
N PRO B 91 16.53 -12.69 22.69
CA PRO B 91 17.96 -12.36 22.60
C PRO B 91 18.66 -13.24 21.57
N GLY B 92 19.35 -12.62 20.61
CA GLY B 92 19.96 -13.36 19.52
C GLY B 92 19.15 -13.39 18.25
N GLU B 93 17.91 -12.91 18.29
CA GLU B 93 17.07 -12.90 17.09
C GLU B 93 16.85 -11.47 16.60
N PRO B 94 16.58 -11.29 15.30
CA PRO B 94 16.49 -12.31 14.26
C PRO B 94 17.89 -12.76 13.83
N ASN B 95 18.05 -14.04 13.48
CA ASN B 95 19.38 -14.56 13.16
C ASN B 95 19.54 -15.05 11.71
N ASP B 96 18.43 -15.12 10.98
CA ASP B 96 18.42 -15.56 9.59
C ASP B 96 19.10 -16.93 9.44
N ALA B 97 18.78 -17.85 10.35
CA ALA B 97 19.35 -19.18 10.34
C ALA B 97 19.20 -19.83 8.97
N GLY B 98 20.32 -20.26 8.40
CA GLY B 98 20.31 -20.88 7.09
C GLY B 98 19.97 -19.89 5.99
N ASN B 99 20.06 -18.60 6.32
CA ASN B 99 19.71 -17.53 5.39
C ASN B 99 18.32 -17.70 4.80
N ASN B 100 17.41 -18.29 5.57
CA ASN B 100 16.08 -18.64 5.07
C ASN B 100 14.95 -18.31 6.04
N GLU B 101 15.17 -17.33 6.92
CA GLU B 101 14.13 -16.98 7.91
C GLU B 101 13.62 -15.56 7.72
N HIS B 102 12.59 -15.43 6.89
CA HIS B 102 12.13 -14.13 6.46
C HIS B 102 10.75 -13.79 7.03
N CYS B 103 10.28 -14.62 7.94
CA CYS B 103 9.00 -14.41 8.62
C CYS B 103 9.19 -14.54 10.12
N GLY B 104 8.29 -13.98 10.90
CA GLY B 104 8.46 -13.97 12.34
C GLY B 104 7.27 -14.48 13.13
N ASN B 105 7.57 -15.14 14.25
CA ASN B 105 6.52 -15.69 15.10
C ASN B 105 6.71 -15.30 16.56
N ILE B 106 5.66 -15.44 17.36
CA ILE B 106 5.80 -15.35 18.80
C ILE B 106 6.18 -16.75 19.26
N LYS B 107 7.27 -16.84 20.02
CA LYS B 107 7.85 -18.14 20.39
C LYS B 107 7.97 -18.27 21.90
N ALA B 108 8.76 -17.41 22.52
CA ALA B 108 8.97 -17.51 23.96
C ALA B 108 7.88 -16.80 24.73
N PRO B 109 7.39 -17.43 25.81
CA PRO B 109 6.42 -16.76 26.67
C PRO B 109 7.12 -15.72 27.55
N SER B 110 7.39 -14.57 26.94
CA SER B 110 8.11 -13.48 27.60
C SER B 110 7.94 -12.24 26.72
N LEU B 111 8.28 -11.07 27.26
CA LEU B 111 8.27 -9.86 26.44
C LEU B 111 9.24 -10.03 25.28
N GLN B 112 10.36 -10.71 25.55
CA GLN B 112 11.29 -11.11 24.50
C GLN B 112 10.78 -12.42 23.90
N ALA B 113 9.92 -12.31 22.90
CA ALA B 113 9.17 -13.45 22.40
C ALA B 113 9.47 -13.82 20.95
N TRP B 114 9.79 -12.83 20.12
CA TRP B 114 9.82 -13.05 18.68
C TRP B 114 11.03 -13.87 18.20
N ASN B 115 10.78 -14.69 17.20
CA ASN B 115 11.84 -15.38 16.49
C ASN B 115 11.59 -15.29 14.99
N ASP B 116 12.65 -15.20 14.21
CA ASP B 116 12.49 -15.32 12.77
C ASP B 116 12.61 -16.78 12.38
N ALA B 117 11.77 -17.20 11.44
CA ALA B 117 11.68 -18.60 11.05
C ALA B 117 11.35 -18.73 9.57
N PRO B 118 11.62 -19.89 8.97
CA PRO B 118 11.30 -20.09 7.56
C PRO B 118 9.80 -19.99 7.29
N CYS B 119 9.46 -19.15 6.32
CA CYS B 119 8.07 -18.81 6.01
C CYS B 119 7.24 -20.02 5.64
N ASP B 120 7.91 -21.06 5.18
CA ASP B 120 7.20 -22.26 4.72
C ASP B 120 6.92 -23.28 5.83
N ILE B 121 7.40 -23.01 7.04
CA ILE B 121 7.08 -23.87 8.19
C ILE B 121 5.68 -23.59 8.69
N THR B 122 4.91 -24.64 9.00
CA THR B 122 3.55 -24.44 9.48
C THR B 122 3.50 -24.22 10.99
N PHE B 123 2.81 -23.16 11.40
CA PHE B 123 2.57 -22.88 12.81
C PHE B 123 1.13 -22.39 12.97
N LEU B 124 0.63 -22.43 14.21
CA LEU B 124 -0.57 -21.69 14.56
C LEU B 124 -0.31 -20.21 14.26
N PHE B 125 -1.36 -19.41 14.19
CA PHE B 125 -1.21 -18.01 13.80
C PHE B 125 -2.24 -17.11 14.48
N ILE B 126 -1.95 -15.81 14.55
CA ILE B 126 -2.82 -14.83 15.21
C ILE B 126 -3.23 -13.73 14.25
N CYS B 127 -4.54 -13.63 13.98
CA CYS B 127 -5.08 -12.55 13.17
C CYS B 127 -5.46 -11.37 14.04
N LYS B 128 -5.41 -10.18 13.46
CA LYS B 128 -5.76 -8.96 14.17
C LYS B 128 -6.67 -8.11 13.31
N ARG B 129 -7.80 -7.68 13.87
CA ARG B 129 -8.64 -6.70 13.18
C ARG B 129 -9.15 -5.59 14.12
N PRO B 130 -9.02 -4.33 13.70
CA PRO B 130 -9.50 -3.20 14.51
C PRO B 130 -11.01 -3.21 14.58
N TYR B 131 -11.57 -2.80 15.72
CA TYR B 131 -13.00 -2.56 15.80
C TYR B 131 -13.34 -1.35 14.96
N VAL B 132 -14.31 -1.51 14.05
CA VAL B 132 -14.80 -0.42 13.22
C VAL B 132 -16.33 -0.37 13.31
N PRO B 133 -16.86 0.70 13.91
CA PRO B 133 -18.32 0.87 14.06
C PRO B 133 -19.05 0.89 12.73
N SER C 4 18.93 18.33 7.07
CA SER C 4 18.14 19.47 7.49
C SER C 4 18.03 19.52 9.02
N GLN C 5 18.04 20.73 9.57
CA GLN C 5 17.76 20.90 10.99
C GLN C 5 16.25 20.81 11.16
N GLY C 6 15.78 20.81 12.40
CA GLY C 6 14.35 20.86 12.65
C GLY C 6 13.68 19.51 12.87
N TRP C 7 14.44 18.42 12.75
CA TRP C 7 13.93 17.10 13.03
C TRP C 7 14.15 16.74 14.50
N LYS C 8 13.05 16.52 15.22
CA LYS C 8 13.11 16.23 16.64
C LYS C 8 12.80 14.75 16.90
N TYR C 9 13.60 14.14 17.76
CA TYR C 9 13.54 12.69 18.00
C TYR C 9 12.63 12.31 19.16
N PHE C 10 11.79 11.31 18.95
CA PHE C 10 10.92 10.80 20.00
C PHE C 10 10.55 9.35 19.71
N LYS C 11 11.09 8.45 20.51
CA LYS C 11 10.68 7.04 20.49
C LYS C 11 10.79 6.38 19.11
N GLY C 12 11.99 6.38 18.55
CA GLY C 12 12.26 5.70 17.30
C GLY C 12 11.87 6.45 16.03
N ASN C 13 11.31 7.65 16.17
CA ASN C 13 10.92 8.45 15.02
C ASN C 13 11.39 9.91 15.12
N PHE C 14 11.72 10.52 13.98
CA PHE C 14 11.97 11.95 13.93
C PHE C 14 10.74 12.71 13.43
N TYR C 15 10.56 13.92 13.95
CA TYR C 15 9.39 14.72 13.61
C TYR C 15 9.83 16.10 13.12
N TYR C 16 9.21 16.54 12.02
CA TYR C 16 9.51 17.84 11.43
C TYR C 16 8.29 18.76 11.58
N PHE C 17 8.46 19.86 12.31
CA PHE C 17 7.41 20.86 12.47
C PHE C 17 7.70 21.99 11.50
N SER C 18 6.88 22.11 10.46
CA SER C 18 7.21 23.00 9.34
C SER C 18 7.14 24.49 9.71
N LEU C 19 7.83 25.32 8.93
CA LEU C 19 7.79 26.76 9.11
C LEU C 19 6.90 27.42 8.06
N ILE C 20 6.53 26.63 7.07
CA ILE C 20 5.74 27.08 5.93
C ILE C 20 4.40 26.36 5.93
N PRO C 21 3.30 27.11 5.69
CA PRO C 21 1.97 26.49 5.61
C PRO C 21 1.69 25.88 4.24
N LYS C 22 0.99 24.75 4.20
CA LYS C 22 0.59 24.14 2.95
C LYS C 22 -0.79 23.52 3.08
N THR C 23 -1.37 23.13 1.95
CA THR C 23 -2.59 22.33 1.99
C THR C 23 -2.22 20.96 2.52
N TRP C 24 -3.21 20.20 2.98
CA TRP C 24 -2.95 18.88 3.54
C TRP C 24 -2.13 18.03 2.57
N TYR C 25 -2.57 17.93 1.32
CA TYR C 25 -1.86 17.07 0.39
C TYR C 25 -0.50 17.61 -0.02
N SER C 26 -0.39 18.93 -0.19
CA SER C 26 0.91 19.51 -0.54
C SER C 26 1.89 19.33 0.61
N ALA C 27 1.37 19.41 1.83
CA ALA C 27 2.16 19.09 3.03
C ALA C 27 2.62 17.63 2.97
N GLU C 28 1.72 16.72 2.61
CA GLU C 28 2.09 15.30 2.47
C GLU C 28 3.15 15.10 1.38
N GLN C 29 3.02 15.84 0.28
CA GLN C 29 4.01 15.75 -0.80
C GLN C 29 5.39 16.20 -0.34
N PHE C 30 5.44 17.26 0.46
CA PHE C 30 6.68 17.72 1.04
C PHE C 30 7.29 16.66 1.95
N CYS C 31 6.46 16.04 2.79
CA CYS C 31 6.95 15.03 3.73
C CYS C 31 7.55 13.86 2.94
N VAL C 32 6.82 13.41 1.94
CA VAL C 32 7.28 12.34 1.04
C VAL C 32 8.64 12.67 0.40
N SER C 33 8.81 13.92 -0.03
CA SER C 33 10.08 14.36 -0.62
C SER C 33 11.19 14.38 0.42
N ARG C 34 10.83 14.34 1.69
CA ARG C 34 11.81 14.27 2.77
CA ARG C 34 11.79 14.28 2.79
C ARG C 34 11.84 12.88 3.40
N ASN C 35 11.37 11.88 2.65
CA ASN C 35 11.39 10.49 3.11
C ASN C 35 10.59 10.29 4.39
N SER C 36 9.40 10.88 4.45
CA SER C 36 8.54 10.78 5.61
C SER C 36 7.09 10.90 5.19
N HIS C 37 6.20 10.93 6.17
CA HIS C 37 4.77 11.14 5.93
C HIS C 37 4.25 12.11 6.96
N LEU C 38 3.10 12.71 6.69
CA LEU C 38 2.36 13.41 7.72
C LEU C 38 2.15 12.45 8.88
N THR C 39 2.39 12.95 10.09
CA THR C 39 2.49 12.08 11.26
C THR C 39 1.19 11.39 11.64
N SER C 40 1.32 10.12 12.01
CA SER C 40 0.25 9.40 12.67
C SER C 40 0.42 9.60 14.18
N VAL C 41 -0.65 9.38 14.93
CA VAL C 41 -0.60 9.42 16.39
C VAL C 41 -1.20 8.14 16.92
N THR C 42 -0.40 7.37 17.64
CA THR C 42 -0.78 6.01 18.03
C THR C 42 -0.65 5.74 19.54
N SER C 43 -0.39 6.78 20.33
CA SER C 43 -0.28 6.61 21.78
C SER C 43 -0.44 7.95 22.48
N GLU C 44 -0.81 7.92 23.75
CA GLU C 44 -0.99 9.15 24.51
C GLU C 44 0.32 9.93 24.59
N SER C 45 1.42 9.20 24.77
CA SER C 45 2.74 9.81 24.86
CA SER C 45 2.73 9.82 24.86
C SER C 45 3.11 10.51 23.55
N GLU C 46 2.74 9.92 22.43
CA GLU C 46 3.01 10.57 21.14
C GLU C 46 2.17 11.84 20.99
N GLN C 47 0.88 11.73 21.28
CA GLN C 47 -0.01 12.90 21.24
C GLN C 47 0.51 14.01 22.14
N GLU C 48 0.92 13.62 23.35
CA GLU C 48 1.46 14.59 24.30
C GLU C 48 2.72 15.25 23.77
N PHE C 49 3.60 14.46 23.18
CA PHE C 49 4.78 15.01 22.51
C PHE C 49 4.40 16.04 21.46
N LEU C 50 3.43 15.69 20.62
CA LEU C 50 3.09 16.51 19.46
C LEU C 50 2.48 17.88 19.82
N TYR C 51 1.45 17.88 20.65
CA TYR C 51 0.75 19.13 20.94
C TYR C 51 1.60 20.07 21.78
N LYS C 52 2.44 19.51 22.65
CA LYS C 52 3.33 20.31 23.47
C LYS C 52 4.35 21.01 22.60
N THR C 53 4.97 20.26 21.69
CA THR C 53 5.92 20.85 20.76
C THR C 53 5.22 21.89 19.87
N ALA C 54 3.97 21.61 19.53
CA ALA C 54 3.17 22.50 18.68
C ALA C 54 3.07 23.90 19.28
N GLY C 55 3.08 23.97 20.61
CA GLY C 55 3.09 25.25 21.31
C GLY C 55 1.93 26.17 20.92
N GLY C 56 0.77 25.59 20.66
CA GLY C 56 -0.41 26.36 20.36
C GLY C 56 -0.66 26.59 18.88
N LEU C 57 0.34 26.36 18.05
CA LEU C 57 0.18 26.49 16.61
C LEU C 57 -0.55 25.28 16.03
N ILE C 58 -1.22 25.50 14.91
CA ILE C 58 -2.06 24.48 14.28
C ILE C 58 -1.31 23.78 13.16
N TYR C 59 -1.18 22.45 13.26
CA TYR C 59 -0.43 21.67 12.28
C TYR C 59 -1.26 20.54 11.66
N TRP C 60 -1.28 20.47 10.33
CA TRP C 60 -1.80 19.29 9.67
C TRP C 60 -1.09 18.06 10.19
N ILE C 61 -1.85 17.03 10.50
CA ILE C 61 -1.27 15.71 10.74
C ILE C 61 -1.81 14.76 9.67
N GLY C 62 -1.47 13.48 9.77
CA GLY C 62 -1.77 12.52 8.73
C GLY C 62 -3.17 11.93 8.77
N LEU C 63 -4.09 12.63 9.42
CA LEU C 63 -5.48 12.22 9.53
C LEU C 63 -6.25 12.62 8.29
N THR C 64 -6.91 11.66 7.65
CA THR C 64 -7.69 11.96 6.46
C THR C 64 -8.77 10.91 6.22
N LYS C 65 -9.90 11.33 5.68
CA LYS C 65 -10.96 10.41 5.33
C LYS C 65 -10.56 9.54 4.13
N ALA C 66 -10.89 8.26 4.19
CA ALA C 66 -10.71 7.35 3.07
C ALA C 66 -11.75 6.23 3.11
N GLY C 67 -12.25 5.84 1.94
CA GLY C 67 -13.29 4.82 1.85
C GLY C 67 -14.67 5.40 1.68
N MET C 68 -15.58 4.62 1.11
CA MET C 68 -16.95 5.07 0.83
C MET C 68 -17.74 5.41 2.09
N GLU C 69 -17.31 4.91 3.23
CA GLU C 69 -17.97 5.20 4.49
C GLU C 69 -17.39 6.45 5.13
N GLY C 70 -16.31 6.96 4.54
CA GLY C 70 -15.68 8.17 5.02
C GLY C 70 -15.06 8.03 6.40
N ASP C 71 -14.56 6.84 6.72
CA ASP C 71 -13.82 6.63 7.96
C ASP C 71 -12.48 7.35 7.93
N TRP C 72 -12.02 7.78 9.10
CA TRP C 72 -10.71 8.38 9.23
C TRP C 72 -9.60 7.35 9.07
N SER C 73 -8.47 7.81 8.56
CA SER C 73 -7.36 6.93 8.24
C SER C 73 -6.04 7.67 8.41
N TRP C 74 -4.94 6.94 8.38
CA TRP C 74 -3.62 7.55 8.47
C TRP C 74 -2.93 7.45 7.13
N VAL C 75 -2.49 8.58 6.59
CA VAL C 75 -1.77 8.56 5.30
C VAL C 75 -0.57 7.61 5.32
N ASP C 76 0.09 7.46 6.46
CA ASP C 76 1.23 6.54 6.53
C ASP C 76 0.84 5.05 6.60
N ASP C 77 -0.47 4.78 6.51
CA ASP C 77 -1.04 3.42 6.46
C ASP C 77 -1.16 2.66 7.78
N THR C 78 -0.82 3.30 8.89
CA THR C 78 -1.14 2.75 10.21
C THR C 78 -2.64 2.51 10.24
N PRO C 79 -3.06 1.28 10.59
CA PRO C 79 -4.51 1.04 10.73
C PRO C 79 -5.10 1.98 11.78
N PHE C 80 -6.23 2.57 11.47
CA PHE C 80 -6.87 3.52 12.37
C PHE C 80 -7.62 2.80 13.49
N ASN C 81 -7.27 3.12 14.72
CA ASN C 81 -7.91 2.55 15.89
C ASN C 81 -8.86 3.60 16.46
N LYS C 82 -10.14 3.48 16.14
CA LYS C 82 -11.11 4.49 16.54
C LYS C 82 -11.36 4.48 18.05
N VAL C 83 -11.28 3.31 18.65
CA VAL C 83 -11.42 3.17 20.10
C VAL C 83 -10.38 4.02 20.81
N GLN C 84 -9.12 3.84 20.42
CA GLN C 84 -8.01 4.52 21.08
C GLN C 84 -7.86 5.97 20.62
N SER C 85 -8.44 6.30 19.46
CA SER C 85 -8.31 7.64 18.91
C SER C 85 -9.34 8.64 19.40
N ALA C 86 -10.45 8.13 19.95
CA ALA C 86 -11.56 8.95 20.41
C ALA C 86 -11.16 10.03 21.42
N ARG C 87 -10.19 9.72 22.26
CA ARG C 87 -9.73 10.65 23.29
C ARG C 87 -8.93 11.84 22.76
N PHE C 88 -8.57 11.81 21.47
CA PHE C 88 -7.65 12.81 20.94
C PHE C 88 -8.34 13.97 20.21
N TRP C 89 -9.64 13.84 19.97
CA TRP C 89 -10.42 14.88 19.31
C TRP C 89 -10.84 15.98 20.27
N ILE C 90 -10.72 17.23 19.83
CA ILE C 90 -11.34 18.37 20.50
C ILE C 90 -12.82 18.06 20.72
N PRO C 91 -13.37 18.40 21.90
CA PRO C 91 -14.81 18.17 22.12
C PRO C 91 -15.62 18.80 21.00
N GLY C 92 -16.58 18.05 20.46
CA GLY C 92 -17.39 18.52 19.35
C GLY C 92 -16.87 18.06 18.00
N GLU C 93 -15.58 17.78 17.92
CA GLU C 93 -14.97 17.36 16.67
C GLU C 93 -14.90 15.82 16.59
N PRO C 94 -14.86 15.26 15.36
CA PRO C 94 -14.96 15.96 14.08
C PRO C 94 -16.40 16.37 13.79
N ASN C 95 -16.60 17.61 13.34
CA ASN C 95 -17.95 18.13 13.14
C ASN C 95 -18.36 18.25 11.68
N ASP C 96 -17.40 18.03 10.78
CA ASP C 96 -17.62 18.10 9.33
C ASP C 96 -18.33 19.38 8.91
N ALA C 97 -17.79 20.52 9.33
CA ALA C 97 -18.37 21.81 9.05
C ALA C 97 -18.53 22.04 7.55
N GLY C 98 -19.78 22.27 7.12
CA GLY C 98 -20.08 22.51 5.73
C GLY C 98 -19.95 21.27 4.86
N ASN C 99 -20.06 20.11 5.49
CA ASN C 99 -19.82 18.82 4.83
C ASN C 99 -18.51 18.74 4.05
N ASN C 100 -17.49 19.45 4.50
CA ASN C 100 -16.26 19.60 3.72
C ASN C 100 -14.97 19.44 4.52
N GLU C 101 -15.04 18.84 5.71
CA GLU C 101 -13.84 18.69 6.52
C GLU C 101 -13.33 17.25 6.54
N HIS C 102 -12.48 16.93 5.57
CA HIS C 102 -12.07 15.55 5.32
C HIS C 102 -10.61 15.28 5.67
N CYS C 103 -9.98 16.26 6.32
CA CYS C 103 -8.61 16.13 6.82
C CYS C 103 -8.54 16.56 8.29
N GLY C 104 -7.50 16.11 8.99
CA GLY C 104 -7.36 16.45 10.40
C GLY C 104 -6.06 17.17 10.77
N ASN C 105 -6.15 18.07 11.75
CA ASN C 105 -4.96 18.74 12.26
C ASN C 105 -4.90 18.73 13.78
N ILE C 106 -3.73 19.02 14.34
CA ILE C 106 -3.62 19.30 15.77
C ILE C 106 -3.82 20.79 15.95
N LYS C 107 -4.81 21.15 16.76
CA LYS C 107 -5.22 22.54 16.89
C LYS C 107 -5.08 23.01 18.34
N ALA C 108 -5.80 22.36 19.26
CA ALA C 108 -5.81 22.77 20.66
C ALA C 108 -4.60 22.28 21.47
N PRO C 109 -4.18 23.08 22.48
CA PRO C 109 -3.05 22.71 23.34
C PRO C 109 -3.48 21.78 24.47
N SER C 110 -3.88 20.56 24.11
CA SER C 110 -4.45 19.61 25.04
C SER C 110 -4.41 18.23 24.41
N LEU C 111 -4.45 17.17 25.21
CA LEU C 111 -4.56 15.81 24.66
C LEU C 111 -5.72 15.76 23.66
N GLN C 112 -6.81 16.43 24.00
CA GLN C 112 -7.94 16.57 23.07
CA GLN C 112 -7.94 16.57 23.07
C GLN C 112 -7.63 17.70 22.11
N ALA C 113 -6.92 17.37 21.03
CA ALA C 113 -6.33 18.40 20.15
C ALA C 113 -6.84 18.42 18.72
N TRP C 114 -7.38 17.30 18.25
CA TRP C 114 -7.66 17.17 16.83
C TRP C 114 -8.93 17.89 16.39
N ASN C 115 -8.83 18.56 15.24
CA ASN C 115 -9.97 19.15 14.59
C ASN C 115 -9.98 18.73 13.13
N ASP C 116 -11.16 18.46 12.58
CA ASP C 116 -11.25 18.22 11.16
C ASP C 116 -11.48 19.54 10.43
N ALA C 117 -10.84 19.68 9.28
CA ALA C 117 -10.85 20.93 8.53
C ALA C 117 -10.71 20.63 7.04
N PRO C 118 -11.12 21.58 6.17
CA PRO C 118 -11.01 21.36 4.73
C PRO C 118 -9.57 21.09 4.26
N CYS C 119 -9.38 19.99 3.54
CA CYS C 119 -8.04 19.60 3.08
C CYS C 119 -7.35 20.66 2.24
N ASP C 120 -8.14 21.52 1.58
CA ASP C 120 -7.57 22.48 0.65
C ASP C 120 -7.25 23.86 1.27
N ILE C 121 -7.28 23.95 2.59
CA ILE C 121 -6.79 25.16 3.25
C ILE C 121 -5.38 24.93 3.83
N THR C 122 -4.64 26.01 4.02
CA THR C 122 -3.22 25.86 4.37
C THR C 122 -2.98 26.01 5.85
N PHE C 123 -2.17 25.11 6.39
CA PHE C 123 -1.68 25.19 7.77
C PHE C 123 -0.24 24.70 7.77
N LEU C 124 0.47 24.98 8.86
CA LEU C 124 1.75 24.32 9.09
C LEU C 124 1.47 22.82 9.22
N PHE C 125 2.51 22.00 9.16
CA PHE C 125 2.28 20.56 9.18
C PHE C 125 3.39 19.79 9.90
N ILE C 126 3.13 18.55 10.23
CA ILE C 126 4.11 17.72 10.93
C ILE C 126 4.44 16.43 10.18
N CYS C 127 5.71 16.27 9.82
CA CYS C 127 6.20 15.07 9.20
C CYS C 127 6.78 14.11 10.22
N LYS C 128 6.60 12.82 9.97
CA LYS C 128 7.13 11.79 10.86
C LYS C 128 8.02 10.86 10.06
N ARG C 129 9.25 10.72 10.51
CA ARG C 129 10.24 9.90 9.81
CA ARG C 129 10.24 9.91 9.81
C ARG C 129 10.82 8.87 10.76
N PRO C 130 10.75 7.58 10.38
CA PRO C 130 11.29 6.51 11.23
C PRO C 130 12.82 6.52 11.28
N TYR C 131 13.39 6.28 12.47
CA TYR C 131 14.82 6.08 12.57
C TYR C 131 15.12 4.60 12.41
N VAL C 132 16.02 4.28 11.49
CA VAL C 132 16.40 2.90 11.24
C VAL C 132 17.89 2.66 11.50
N PRO C 133 18.22 2.07 12.67
CA PRO C 133 19.59 1.77 13.05
C PRO C 133 20.22 0.72 12.14
N GLN D 5 22.55 -11.46 -11.73
CA GLN D 5 22.52 -11.28 -13.18
C GLN D 5 21.51 -12.24 -13.83
N GLY D 6 21.34 -12.12 -15.14
CA GLY D 6 20.45 -13.00 -15.87
C GLY D 6 19.05 -12.42 -16.01
N TRP D 7 18.96 -11.10 -15.92
CA TRP D 7 17.70 -10.42 -16.12
C TRP D 7 17.46 -10.13 -17.61
N LYS D 8 16.27 -10.45 -18.09
CA LYS D 8 15.89 -10.19 -19.48
C LYS D 8 15.07 -8.92 -19.56
N TYR D 9 15.31 -8.11 -20.58
CA TYR D 9 14.61 -6.83 -20.76
C TYR D 9 13.42 -6.97 -21.71
N PHE D 10 12.25 -6.49 -21.28
CA PHE D 10 11.10 -6.37 -22.16
C PHE D 10 10.30 -5.11 -21.80
N LYS D 11 10.17 -4.20 -22.76
CA LYS D 11 9.36 -2.99 -22.61
C LYS D 11 9.49 -2.23 -21.30
N GLY D 12 10.70 -1.79 -20.96
CA GLY D 12 10.89 -1.00 -19.76
C GLY D 12 10.80 -1.77 -18.46
N ASN D 13 10.87 -3.10 -18.54
CA ASN D 13 11.03 -3.93 -17.34
C ASN D 13 12.13 -4.96 -17.50
N PHE D 14 12.63 -5.46 -16.38
CA PHE D 14 13.60 -6.55 -16.36
C PHE D 14 12.95 -7.75 -15.70
N TYR D 15 13.18 -8.92 -16.26
CA TYR D 15 12.55 -10.14 -15.79
C TYR D 15 13.57 -11.21 -15.43
N TYR D 16 13.35 -11.87 -14.30
CA TYR D 16 14.24 -12.93 -13.83
C TYR D 16 13.52 -14.26 -13.84
N PHE D 17 14.00 -15.20 -14.66
CA PHE D 17 13.42 -16.53 -14.72
C PHE D 17 14.24 -17.47 -13.86
N SER D 18 13.66 -17.95 -12.77
CA SER D 18 14.42 -18.67 -11.77
C SER D 18 14.76 -20.07 -12.24
N LEU D 19 15.86 -20.59 -11.71
CA LEU D 19 16.25 -21.98 -11.92
C LEU D 19 15.91 -22.82 -10.69
N ILE D 20 15.61 -22.16 -9.59
CA ILE D 20 15.26 -22.82 -8.33
C ILE D 20 13.74 -22.79 -8.09
N PRO D 21 13.16 -23.93 -7.68
CA PRO D 21 11.73 -23.94 -7.35
C PRO D 21 11.45 -23.52 -5.91
N LYS D 22 10.41 -22.72 -5.71
CA LYS D 22 10.03 -22.25 -4.38
C LYS D 22 8.52 -22.16 -4.24
N THR D 23 8.04 -22.03 -3.01
CA THR D 23 6.62 -21.75 -2.78
C THR D 23 6.35 -20.35 -3.30
N TRP D 24 5.08 -20.02 -3.50
CA TRP D 24 4.71 -18.71 -4.01
C TRP D 24 5.27 -17.58 -3.15
N TYR D 25 5.09 -17.66 -1.83
CA TYR D 25 5.57 -16.59 -0.98
C TYR D 25 7.09 -16.55 -0.80
N SER D 26 7.72 -17.71 -0.70
CA SER D 26 9.20 -17.72 -0.68
C SER D 26 9.75 -17.21 -2.01
N ALA D 27 9.02 -17.46 -3.10
CA ALA D 27 9.41 -16.89 -4.39
C ALA D 27 9.32 -15.37 -4.34
N GLU D 28 8.21 -14.85 -3.83
CA GLU D 28 8.04 -13.39 -3.73
C GLU D 28 9.13 -12.78 -2.83
N GLN D 29 9.48 -13.47 -1.76
CA GLN D 29 10.52 -12.99 -0.85
C GLN D 29 11.86 -12.92 -1.58
N PHE D 30 12.12 -13.93 -2.39
CA PHE D 30 13.31 -13.94 -3.23
C PHE D 30 13.30 -12.70 -4.15
N CYS D 31 12.15 -12.43 -4.77
CA CYS D 31 12.03 -11.26 -5.65
C CYS D 31 12.25 -9.97 -4.87
N VAL D 32 11.65 -9.89 -3.69
CA VAL D 32 11.80 -8.72 -2.83
C VAL D 32 13.27 -8.48 -2.51
N SER D 33 14.00 -9.56 -2.23
CA SER D 33 15.44 -9.45 -1.94
C SER D 33 16.22 -8.88 -3.11
N ARG D 34 15.66 -9.03 -4.31
CA ARG D 34 16.29 -8.50 -5.52
C ARG D 34 15.57 -7.26 -6.04
N ASN D 35 14.97 -6.50 -5.12
CA ASN D 35 14.31 -5.25 -5.47
C ASN D 35 13.27 -5.43 -6.57
N SER D 36 12.51 -6.51 -6.49
CA SER D 36 11.51 -6.79 -7.51
C SER D 36 10.27 -7.41 -6.89
N HIS D 37 9.36 -7.80 -7.76
CA HIS D 37 8.19 -8.56 -7.35
C HIS D 37 7.96 -9.65 -8.36
N LEU D 38 7.26 -10.69 -7.94
CA LEU D 38 6.72 -11.66 -8.87
C LEU D 38 5.92 -10.92 -9.91
N THR D 39 6.08 -11.31 -11.17
CA THR D 39 5.62 -10.49 -12.28
C THR D 39 4.10 -10.39 -12.36
N SER D 40 3.62 -9.19 -12.68
CA SER D 40 2.24 -8.98 -13.07
C SER D 40 2.18 -9.16 -14.58
N VAL D 41 0.97 -9.27 -15.13
CA VAL D 41 0.78 -9.39 -16.57
C VAL D 41 -0.35 -8.48 -17.00
N THR D 42 -0.03 -7.46 -17.80
CA THR D 42 -0.97 -6.39 -18.07
C THR D 42 -1.26 -6.14 -19.55
N SER D 43 -0.66 -6.95 -20.42
CA SER D 43 -0.89 -6.80 -21.85
C SER D 43 -0.69 -8.14 -22.55
N GLU D 44 -1.18 -8.25 -23.77
CA GLU D 44 -1.02 -9.49 -24.53
C GLU D 44 0.45 -9.75 -24.83
N SER D 45 1.18 -8.68 -25.13
CA SER D 45 2.58 -8.80 -25.53
C SER D 45 3.52 -9.20 -24.39
N GLU D 46 3.19 -8.80 -23.17
CA GLU D 46 3.92 -9.26 -22.00
C GLU D 46 3.57 -10.73 -21.72
N GLN D 47 2.30 -11.08 -21.79
CA GLN D 47 1.90 -12.48 -21.66
C GLN D 47 2.63 -13.35 -22.69
N GLU D 48 2.80 -12.81 -23.90
CA GLU D 48 3.51 -13.53 -24.97
C GLU D 48 5.01 -13.68 -24.68
N PHE D 49 5.65 -12.59 -24.30
CA PHE D 49 7.06 -12.61 -23.88
C PHE D 49 7.28 -13.63 -22.78
N LEU D 50 6.35 -13.66 -21.82
CA LEU D 50 6.48 -14.53 -20.67
C LEU D 50 6.29 -16.01 -21.00
N TYR D 51 5.22 -16.36 -21.69
CA TYR D 51 4.99 -17.77 -22.01
C TYR D 51 6.03 -18.31 -23.00
N LYS D 52 6.42 -17.49 -23.97
CA LYS D 52 7.47 -17.90 -24.89
C LYS D 52 8.82 -18.09 -24.21
N THR D 53 9.14 -17.22 -23.25
CA THR D 53 10.41 -17.35 -22.54
C THR D 53 10.34 -18.53 -21.55
N ALA D 54 9.13 -18.84 -21.08
CA ALA D 54 8.95 -19.94 -20.14
C ALA D 54 9.23 -21.30 -20.82
N GLY D 55 9.02 -21.35 -22.13
CA GLY D 55 9.34 -22.54 -22.90
C GLY D 55 8.65 -23.80 -22.43
N GLY D 56 7.40 -23.66 -22.01
CA GLY D 56 6.58 -24.81 -21.67
C GLY D 56 6.74 -25.31 -20.25
N LEU D 57 7.61 -24.65 -19.48
CA LEU D 57 7.75 -24.97 -18.05
C LEU D 57 6.84 -24.08 -17.21
N ILE D 58 6.52 -24.55 -16.01
CA ILE D 58 5.61 -23.84 -15.11
C ILE D 58 6.36 -22.87 -14.18
N TYR D 59 5.96 -21.60 -14.20
CA TYR D 59 6.57 -20.58 -13.36
C TYR D 59 5.52 -19.84 -12.53
N TRP D 60 5.76 -19.71 -11.24
CA TRP D 60 4.94 -18.85 -10.39
C TRP D 60 4.97 -17.42 -10.93
N ILE D 61 3.81 -16.76 -10.99
CA ILE D 61 3.78 -15.32 -11.23
C ILE D 61 3.05 -14.63 -10.08
N GLY D 62 2.94 -13.30 -10.14
CA GLY D 62 2.44 -12.50 -9.03
C GLY D 62 0.95 -12.59 -8.76
N LEU D 63 0.30 -13.61 -9.31
CA LEU D 63 -1.15 -13.80 -9.18
C LEU D 63 -1.51 -14.42 -7.84
N THR D 64 -2.39 -13.77 -7.07
CA THR D 64 -2.81 -14.29 -5.79
C THR D 64 -4.15 -13.71 -5.33
N LYS D 65 -4.92 -14.49 -4.58
CA LYS D 65 -6.19 -14.00 -4.05
C LYS D 65 -5.95 -13.02 -2.91
N ALA D 66 -6.80 -11.99 -2.83
CA ALA D 66 -6.76 -11.05 -1.71
C ALA D 66 -8.15 -10.43 -1.48
N GLY D 67 -8.33 -9.80 -0.33
CA GLY D 67 -9.61 -9.22 0.03
C GLY D 67 -10.60 -10.25 0.55
N MET D 68 -11.79 -9.76 0.92
CA MET D 68 -12.83 -10.59 1.54
C MET D 68 -13.34 -11.75 0.68
N GLU D 69 -13.79 -11.44 -0.53
CA GLU D 69 -14.35 -12.46 -1.43
C GLU D 69 -13.27 -13.21 -2.20
N GLY D 70 -12.01 -12.87 -1.93
CA GLY D 70 -10.89 -13.56 -2.54
C GLY D 70 -10.83 -13.41 -4.04
N ASP D 71 -11.01 -12.19 -4.53
CA ASP D 71 -10.78 -11.92 -5.94
C ASP D 71 -9.29 -11.93 -6.21
N TRP D 72 -8.92 -12.26 -7.44
CA TRP D 72 -7.52 -12.28 -7.81
C TRP D 72 -6.87 -10.89 -7.83
N SER D 73 -5.60 -10.84 -7.46
CA SER D 73 -4.86 -9.59 -7.41
C SER D 73 -3.43 -9.81 -7.85
N TRP D 74 -2.72 -8.70 -8.09
CA TRP D 74 -1.28 -8.72 -8.31
C TRP D 74 -0.51 -8.29 -7.07
N VAL D 75 0.52 -9.07 -6.74
CA VAL D 75 1.32 -8.79 -5.56
C VAL D 75 2.10 -7.48 -5.69
N ASP D 76 2.36 -7.02 -6.92
CA ASP D 76 3.04 -5.74 -7.07
C ASP D 76 2.08 -4.55 -6.97
N ASP D 77 0.82 -4.84 -6.68
CA ASP D 77 -0.25 -3.87 -6.49
C ASP D 77 -0.85 -3.26 -7.76
N THR D 78 -0.40 -3.75 -8.92
CA THR D 78 -1.11 -3.45 -10.16
C THR D 78 -2.54 -3.90 -9.93
N PRO D 79 -3.50 -3.00 -10.11
CA PRO D 79 -4.91 -3.39 -10.02
C PRO D 79 -5.23 -4.51 -11.02
N PHE D 80 -5.98 -5.50 -10.57
CA PHE D 80 -6.23 -6.69 -11.37
C PHE D 80 -7.45 -6.48 -12.27
N ASN D 81 -7.24 -6.54 -13.58
CA ASN D 81 -8.34 -6.38 -14.53
C ASN D 81 -8.94 -7.75 -14.83
N LYS D 82 -10.05 -8.07 -14.17
CA LYS D 82 -10.66 -9.39 -14.29
C LYS D 82 -11.15 -9.65 -15.71
N VAL D 83 -11.78 -8.65 -16.31
CA VAL D 83 -12.27 -8.77 -17.69
C VAL D 83 -11.13 -9.01 -18.66
N GLN D 84 -10.14 -8.12 -18.66
CA GLN D 84 -9.05 -8.20 -19.62
C GLN D 84 -8.12 -9.38 -19.39
N SER D 85 -8.19 -9.97 -18.19
CA SER D 85 -7.32 -11.09 -17.85
C SER D 85 -8.00 -12.43 -18.12
N ALA D 86 -9.30 -12.41 -18.35
CA ALA D 86 -10.06 -13.64 -18.56
C ALA D 86 -9.48 -14.49 -19.69
N ARG D 87 -8.96 -13.83 -20.72
CA ARG D 87 -8.41 -14.51 -21.88
C ARG D 87 -7.00 -15.08 -21.64
N PHE D 88 -6.39 -14.73 -20.50
CA PHE D 88 -5.06 -15.23 -20.19
C PHE D 88 -5.09 -16.53 -19.38
N TRP D 89 -6.27 -16.89 -18.87
CA TRP D 89 -6.43 -18.13 -18.11
C TRP D 89 -6.53 -19.32 -19.06
N ILE D 90 -6.04 -20.47 -18.62
CA ILE D 90 -6.31 -21.75 -19.30
C ILE D 90 -7.80 -22.03 -19.14
N PRO D 91 -8.47 -22.42 -20.25
CA PRO D 91 -9.91 -22.68 -20.21
C PRO D 91 -10.31 -23.59 -19.06
N GLY D 92 -11.28 -23.16 -18.27
CA GLY D 92 -11.67 -23.89 -17.07
C GLY D 92 -11.01 -23.36 -15.81
N GLU D 93 -9.94 -22.60 -15.98
CA GLU D 93 -9.25 -22.01 -14.83
C GLU D 93 -9.68 -20.55 -14.68
N PRO D 94 -9.65 -20.03 -13.44
CA PRO D 94 -9.26 -20.70 -12.20
C PRO D 94 -10.37 -21.60 -11.67
N ASN D 95 -10.02 -22.80 -11.22
CA ASN D 95 -11.03 -23.76 -10.80
C ASN D 95 -11.04 -24.00 -9.29
N ASP D 96 -9.98 -23.54 -8.62
CA ASP D 96 -9.82 -23.73 -7.18
C ASP D 96 -9.97 -25.20 -6.79
N ALA D 97 -9.06 -26.03 -7.29
CA ALA D 97 -9.13 -27.48 -7.07
C ALA D 97 -8.95 -27.84 -5.60
N GLY D 98 -10.01 -28.38 -5.00
CA GLY D 98 -10.00 -28.76 -3.60
C GLY D 98 -10.13 -27.57 -2.67
N ASN D 99 -10.60 -26.46 -3.22
CA ASN D 99 -10.73 -25.20 -2.48
C ASN D 99 -9.42 -24.77 -1.83
N ASN D 100 -8.31 -24.99 -2.54
CA ASN D 100 -6.99 -24.69 -2.00
C ASN D 100 -6.02 -24.14 -3.05
N GLU D 101 -6.53 -23.46 -4.06
CA GLU D 101 -5.65 -22.91 -5.10
C GLU D 101 -5.73 -21.39 -5.14
N HIS D 102 -4.92 -20.76 -4.30
CA HIS D 102 -5.04 -19.33 -4.04
C HIS D 102 -3.91 -18.51 -4.67
N CYS D 103 -3.03 -19.17 -5.41
CA CYS D 103 -1.97 -18.49 -6.14
C CYS D 103 -2.01 -18.95 -7.59
N GLY D 104 -1.29 -18.24 -8.46
CA GLY D 104 -1.38 -18.52 -9.87
C GLY D 104 -0.03 -18.62 -10.55
N ASN D 105 0.04 -19.43 -11.60
CA ASN D 105 1.30 -19.63 -12.31
C ASN D 105 1.08 -19.62 -13.81
N ILE D 106 2.17 -19.45 -14.56
CA ILE D 106 2.14 -19.64 -16.00
C ILE D 106 2.37 -21.13 -16.27
N LYS D 107 1.40 -21.80 -16.88
CA LYS D 107 1.48 -23.26 -17.03
C LYS D 107 1.60 -23.70 -18.50
N ALA D 108 0.70 -23.21 -19.34
CA ALA D 108 0.67 -23.63 -20.74
C ALA D 108 1.35 -22.60 -21.65
N PRO D 109 2.06 -23.08 -22.69
CA PRO D 109 2.69 -22.18 -23.66
C PRO D 109 1.69 -21.64 -24.68
N SER D 110 0.82 -20.75 -24.22
CA SER D 110 -0.28 -20.19 -25.00
C SER D 110 -0.67 -18.85 -24.39
N LEU D 111 -1.42 -18.03 -25.11
CA LEU D 111 -1.97 -16.81 -24.52
C LEU D 111 -2.84 -17.18 -23.33
N GLN D 112 -3.52 -18.32 -23.44
N GLN D 112 -3.53 -18.31 -23.45
CA GLN D 112 -4.26 -18.89 -22.33
CA GLN D 112 -4.27 -18.90 -22.34
C GLN D 112 -3.32 -19.77 -21.52
C GLN D 112 -3.32 -19.77 -21.53
N ALA D 113 -2.60 -19.15 -20.59
CA ALA D 113 -1.49 -19.83 -19.90
C ALA D 113 -1.68 -20.07 -18.40
N TRP D 114 -2.58 -19.32 -17.77
CA TRP D 114 -2.63 -19.31 -16.31
C TRP D 114 -3.41 -20.46 -15.70
N ASN D 115 -2.89 -20.95 -14.57
CA ASN D 115 -3.59 -21.93 -13.77
C ASN D 115 -3.47 -21.51 -12.32
N ASP D 116 -4.54 -21.70 -11.55
CA ASP D 116 -4.45 -21.49 -10.11
C ASP D 116 -4.01 -22.77 -9.41
N ALA D 117 -3.10 -22.62 -8.44
CA ALA D 117 -2.51 -23.75 -7.72
C ALA D 117 -2.30 -23.38 -6.25
N PRO D 118 -2.10 -24.39 -5.38
CA PRO D 118 -1.83 -24.15 -3.96
C PRO D 118 -0.54 -23.37 -3.71
N CYS D 119 -0.60 -22.34 -2.89
CA CYS D 119 0.53 -21.44 -2.68
C CYS D 119 1.74 -22.13 -2.05
N ASP D 120 1.50 -23.22 -1.33
CA ASP D 120 2.55 -23.87 -0.55
C ASP D 120 3.36 -24.95 -1.30
N ILE D 121 3.06 -25.17 -2.56
CA ILE D 121 3.85 -26.11 -3.35
C ILE D 121 4.87 -25.39 -4.24
N THR D 122 6.01 -26.04 -4.49
CA THR D 122 7.13 -25.38 -5.16
C THR D 122 7.08 -25.43 -6.68
N PHE D 123 7.35 -24.29 -7.30
CA PHE D 123 7.55 -24.19 -8.74
C PHE D 123 8.66 -23.19 -9.01
N LEU D 124 9.13 -23.16 -10.27
CA LEU D 124 9.97 -22.07 -10.73
C LEU D 124 9.16 -20.78 -10.66
N PHE D 125 9.82 -19.64 -10.76
CA PHE D 125 9.13 -18.38 -10.59
C PHE D 125 9.75 -17.24 -11.41
N ILE D 126 8.95 -16.21 -11.69
CA ILE D 126 9.41 -15.08 -12.49
C ILE D 126 9.31 -13.76 -11.75
N CYS D 127 10.44 -13.06 -11.60
CA CYS D 127 10.45 -11.73 -10.97
C CYS D 127 10.38 -10.64 -12.03
N LYS D 128 9.85 -9.49 -11.64
CA LYS D 128 9.80 -8.33 -12.51
C LYS D 128 10.24 -7.07 -11.76
N ARG D 129 11.13 -6.31 -12.36
CA ARG D 129 11.47 -5.00 -11.80
C ARG D 129 11.60 -3.95 -12.89
N PRO D 130 11.17 -2.70 -12.59
CA PRO D 130 11.25 -1.59 -13.55
C PRO D 130 12.70 -1.31 -13.91
N TYR D 131 12.94 -0.83 -15.13
CA TYR D 131 14.28 -0.47 -15.58
C TYR D 131 14.84 0.71 -14.77
N VAL D 132 16.12 0.62 -14.43
CA VAL D 132 16.81 1.70 -13.72
C VAL D 132 18.28 1.77 -14.15
C1 MMA E . 1.56 26.67 -17.85
C2 MMA E . 1.30 25.49 -16.92
C3 MMA E . 2.54 24.60 -16.82
C4 MMA E . 2.98 24.21 -18.23
C5 MMA E . 3.30 25.50 -18.99
C6 MMA E . 3.90 25.20 -20.35
C7 MMA E . 2.38 28.90 -17.80
O1 MMA E . 2.47 27.58 -17.23
O2 MMA E . 0.20 24.72 -17.39
O3 MMA E . 2.26 23.43 -16.03
O4 MMA E . 4.13 23.37 -18.21
O5 MMA E . 2.11 26.27 -19.12
O6 MMA E . 4.33 26.42 -20.93
CA CA F . 4.00 21.63 -16.38
C1 MMA G . 15.89 -22.89 15.95
C2 MMA G . 15.07 -22.06 14.96
C3 MMA G . 15.71 -20.70 14.71
C4 MMA G . 16.10 -20.02 16.02
C5 MMA G . 16.90 -20.99 16.90
C6 MMA G . 17.31 -20.33 18.21
C7 MMA G . 17.81 -24.30 15.98
O1 MMA G . 17.16 -23.19 15.36
O2 MMA G . 13.75 -21.90 15.50
O3 MMA G . 14.80 -19.84 14.00
O4 MMA G . 16.92 -18.88 15.75
O5 MMA G . 16.11 -22.16 17.15
O6 MMA G . 18.34 -21.09 18.84
CA CA H . 15.64 -17.47 14.08
C1 MMA I . -13.98 26.54 12.82
C2 MMA I . -13.30 25.40 12.06
C3 MMA I . -14.07 24.11 12.26
C4 MMA I . -14.30 23.84 13.75
C5 MMA I . -15.00 25.05 14.38
C6 MMA I . -15.28 24.84 15.85
C7 MMA I . -15.77 28.09 12.56
O1 MMA I . -15.24 26.81 12.22
O2 MMA I . -11.96 25.24 12.52
O3 MMA I . -13.34 23.02 11.71
O4 MMA I . -15.08 22.66 13.92
O5 MMA I . -14.16 26.20 14.20
O6 MMA I . -15.94 25.98 16.40
CA CA J . -14.08 20.80 12.52
C1 MMA K . -4.68 -30.50 -11.12
C2 MMA K . -4.22 -29.19 -10.49
C3 MMA K . -5.22 -28.08 -10.84
C4 MMA K . -5.37 -27.96 -12.34
C5 MMA K . -5.74 -29.33 -12.95
C6 MMA K . -5.71 -29.29 -14.46
C7 MMA K . -6.27 -32.26 -10.86
O1 MMA K . -5.92 -30.91 -10.56
O2 MMA K . -2.93 -28.84 -10.99
O3 MMA K . -4.76 -26.82 -10.32
O4 MMA K . -6.38 -26.99 -12.61
O5 MMA K . -4.80 -30.32 -12.54
O6 MMA K . -5.39 -30.60 -14.93
CA CA L . -6.26 -24.96 -11.05
#